data_1Q3T
#
_entry.id   1Q3T
#
_cell.length_a   1.000
_cell.length_b   1.000
_cell.length_c   1.000
_cell.angle_alpha   90.00
_cell.angle_beta   90.00
_cell.angle_gamma   90.00
#
_symmetry.space_group_name_H-M   'P 1'
#
_entity_poly.entity_id   1
_entity_poly.type   'polypeptide(L)'
_entity_poly.pdbx_seq_one_letter_code
;MKHHHHHHDDDDKMKTIQIAIDGPASSGKSTVAKIIAKDFGFTYLDTGAMYRAATYMALKNQLGVEEVEALLALLDQHPI
SFGRSETGDQLVFVGDVDITHPIRENEVTNHVSAIAAIPEVREKLVSLQQEIAQQGGIVMDGRDIGTVVLPQAELKIFLV
ASVDERAERRYKENIAKGIETDLETLKKEIAARDYKDSHRETSPLKQAEDAVYLDTTGLNIQEVVEKIKAEAEKRM
;
_entity_poly.pdbx_strand_id   A
#
# COMPACT_ATOMS: atom_id res chain seq x y z
N MET A 14 1.15 13.19 22.12
CA MET A 14 0.74 12.59 20.85
C MET A 14 0.48 11.10 21.02
N LYS A 15 1.29 10.46 21.85
CA LYS A 15 1.14 9.02 22.11
C LYS A 15 1.44 8.20 20.86
N THR A 16 0.46 8.13 19.95
CA THR A 16 0.62 7.36 18.72
C THR A 16 -0.62 7.48 17.84
N ILE A 17 -0.41 7.56 16.54
CA ILE A 17 -1.51 7.66 15.59
C ILE A 17 -1.12 7.12 14.22
N GLN A 18 -2.11 6.56 13.52
CA GLN A 18 -1.88 6.00 12.20
C GLN A 18 -1.90 7.08 11.11
N ILE A 19 -1.24 6.78 10.00
CA ILE A 19 -1.19 7.72 8.88
C ILE A 19 -1.46 6.97 7.57
N ALA A 20 -2.71 6.99 7.13
CA ALA A 20 -3.10 6.30 5.91
C ALA A 20 -3.18 7.25 4.72
N ILE A 21 -2.77 6.77 3.56
CA ILE A 21 -2.80 7.56 2.34
C ILE A 21 -3.38 6.77 1.18
N ASP A 22 -4.33 7.37 0.48
CA ASP A 22 -4.98 6.72 -0.66
C ASP A 22 -4.88 7.57 -1.92
N GLY A 23 -5.45 7.06 -3.01
CA GLY A 23 -5.42 7.78 -4.27
C GLY A 23 -5.40 6.85 -5.46
N PRO A 24 -5.71 7.37 -6.66
CA PRO A 24 -5.74 6.58 -7.89
C PRO A 24 -4.38 5.97 -8.21
N ALA A 25 -3.32 6.65 -7.77
CA ALA A 25 -1.96 6.19 -8.01
C ALA A 25 -1.00 6.74 -6.97
N SER A 26 -1.10 8.05 -6.71
CA SER A 26 -0.25 8.70 -5.73
C SER A 26 1.20 8.74 -6.21
N SER A 27 1.66 9.93 -6.58
CA SER A 27 3.03 10.10 -7.07
C SER A 27 3.94 10.61 -5.95
N GLY A 28 3.60 10.27 -4.71
CA GLY A 28 4.39 10.71 -3.58
C GLY A 28 3.93 10.08 -2.27
N LYS A 29 3.45 8.85 -2.34
CA LYS A 29 2.98 8.14 -1.15
C LYS A 29 4.15 7.56 -0.36
N SER A 30 5.09 6.94 -1.07
CA SER A 30 6.24 6.32 -0.43
C SER A 30 7.11 7.37 0.27
N THR A 31 7.54 8.37 -0.49
CA THR A 31 8.38 9.44 0.05
C THR A 31 7.69 10.14 1.22
N VAL A 32 6.46 10.60 0.99
CA VAL A 32 5.70 11.31 2.02
C VAL A 32 5.55 10.45 3.27
N ALA A 33 4.91 9.29 3.13
CA ALA A 33 4.69 8.39 4.25
C ALA A 33 6.00 8.04 4.94
N LYS A 34 7.08 8.00 4.19
CA LYS A 34 8.39 7.66 4.73
C LYS A 34 8.92 8.83 5.58
N ILE A 35 9.06 9.99 4.94
CA ILE A 35 9.55 11.17 5.63
C ILE A 35 8.77 11.44 6.91
N ILE A 36 7.45 11.28 6.83
CA ILE A 36 6.58 11.50 7.99
C ILE A 36 6.99 10.61 9.16
N ALA A 37 6.99 9.31 8.94
CA ALA A 37 7.35 8.36 9.98
C ALA A 37 8.80 8.55 10.43
N LYS A 38 9.64 9.03 9.52
CA LYS A 38 11.04 9.25 9.81
C LYS A 38 11.20 10.32 10.90
N ASP A 39 10.27 11.26 10.93
CA ASP A 39 10.32 12.34 11.91
C ASP A 39 9.51 11.99 13.16
N PHE A 40 8.25 11.64 12.96
CA PHE A 40 7.36 11.28 14.07
C PHE A 40 7.80 9.95 14.70
N GLY A 41 8.26 9.02 13.87
CA GLY A 41 8.69 7.74 14.37
C GLY A 41 7.61 6.67 14.27
N PHE A 42 6.75 6.80 13.27
CA PHE A 42 5.67 5.84 13.06
C PHE A 42 6.14 4.67 12.21
N THR A 43 5.53 3.50 12.43
CA THR A 43 5.90 2.30 11.68
C THR A 43 5.31 2.35 10.28
N TYR A 44 6.18 2.24 9.28
CA TYR A 44 5.75 2.26 7.89
C TYR A 44 5.24 0.90 7.44
N LEU A 45 4.08 0.91 6.78
CA LEU A 45 3.47 -0.33 6.29
C LEU A 45 2.95 -0.14 4.88
N ASP A 46 3.19 -1.12 4.02
CA ASP A 46 2.73 -1.07 2.64
C ASP A 46 1.78 -2.22 2.33
N THR A 47 0.60 -1.88 1.80
CA THR A 47 -0.39 -2.89 1.46
C THR A 47 0.24 -4.04 0.68
N GLY A 48 1.28 -3.73 -0.08
CA GLY A 48 1.96 -4.75 -0.87
C GLY A 48 2.60 -5.81 0.00
N ALA A 49 3.38 -5.37 0.99
CA ALA A 49 4.05 -6.29 1.90
C ALA A 49 3.05 -7.19 2.61
N MET A 50 1.92 -6.61 2.99
CA MET A 50 0.88 -7.36 3.67
C MET A 50 0.46 -8.56 2.82
N TYR A 51 0.21 -8.30 1.55
CA TYR A 51 -0.18 -9.35 0.62
C TYR A 51 0.98 -10.30 0.36
N ARG A 52 2.20 -9.76 0.41
CA ARG A 52 3.39 -10.56 0.18
C ARG A 52 3.50 -11.67 1.22
N ALA A 53 3.37 -11.30 2.49
CA ALA A 53 3.45 -12.28 3.58
C ALA A 53 2.36 -13.34 3.45
N ALA A 54 1.16 -12.90 3.06
CA ALA A 54 0.04 -13.80 2.89
C ALA A 54 0.28 -14.77 1.74
N THR A 55 0.64 -14.23 0.59
CA THR A 55 0.91 -15.03 -0.59
C THR A 55 2.11 -15.94 -0.36
N TYR A 56 3.10 -15.41 0.36
CA TYR A 56 4.31 -16.17 0.66
C TYR A 56 3.96 -17.52 1.26
N MET A 57 3.17 -17.49 2.33
CA MET A 57 2.76 -18.72 3.00
C MET A 57 2.02 -19.63 2.04
N ALA A 58 1.21 -19.03 1.17
CA ALA A 58 0.45 -19.79 0.19
C ALA A 58 1.34 -20.73 -0.60
N LEU A 59 2.37 -20.18 -1.23
CA LEU A 59 3.30 -20.97 -2.02
C LEU A 59 4.14 -21.87 -1.12
N LYS A 60 4.36 -21.45 0.12
CA LYS A 60 5.15 -22.21 1.07
C LYS A 60 4.45 -23.52 1.42
N ASN A 61 3.13 -23.48 1.57
CA ASN A 61 2.36 -24.66 1.92
C ASN A 61 1.35 -25.00 0.83
N GLN A 62 1.66 -24.63 -0.41
CA GLN A 62 0.80 -24.88 -1.56
C GLN A 62 -0.67 -24.63 -1.23
N LEU A 63 -0.95 -23.52 -0.58
CA LEU A 63 -2.31 -23.16 -0.22
C LEU A 63 -2.95 -22.32 -1.33
N GLY A 64 -3.01 -22.90 -2.53
CA GLY A 64 -3.58 -22.20 -3.66
C GLY A 64 -4.91 -21.53 -3.34
N VAL A 65 -5.28 -20.56 -4.16
CA VAL A 65 -6.53 -19.82 -3.96
C VAL A 65 -7.71 -20.77 -3.75
N GLU A 66 -7.61 -21.97 -4.30
CA GLU A 66 -8.67 -22.96 -4.18
C GLU A 66 -8.95 -23.30 -2.70
N GLU A 67 -7.99 -23.02 -1.83
CA GLU A 67 -8.15 -23.30 -0.41
C GLU A 67 -8.44 -22.01 0.36
N VAL A 68 -9.51 -21.33 -0.02
CA VAL A 68 -9.90 -20.09 0.63
C VAL A 68 -10.26 -20.30 2.09
N GLU A 69 -11.06 -21.33 2.36
CA GLU A 69 -11.48 -21.64 3.72
C GLU A 69 -10.29 -21.82 4.65
N ALA A 70 -9.42 -22.77 4.31
CA ALA A 70 -8.25 -23.05 5.12
C ALA A 70 -7.30 -21.86 5.18
N LEU A 71 -6.91 -21.37 4.01
CA LEU A 71 -6.01 -20.23 3.93
C LEU A 71 -6.57 -19.01 4.66
N LEU A 72 -7.90 -18.90 4.70
CA LEU A 72 -8.55 -17.79 5.36
C LEU A 72 -8.29 -17.82 6.86
N ALA A 73 -8.70 -18.89 7.51
CA ALA A 73 -8.51 -19.05 8.94
C ALA A 73 -7.04 -19.02 9.31
N LEU A 74 -6.20 -19.52 8.39
CA LEU A 74 -4.75 -19.55 8.62
C LEU A 74 -4.16 -18.15 8.50
N LEU A 75 -4.52 -17.44 7.44
CA LEU A 75 -4.01 -16.09 7.22
C LEU A 75 -4.18 -15.25 8.48
N ASP A 76 -5.29 -15.46 9.18
CA ASP A 76 -5.56 -14.73 10.41
C ASP A 76 -4.73 -15.31 11.55
N GLN A 77 -4.44 -16.60 11.47
CA GLN A 77 -3.65 -17.28 12.50
C GLN A 77 -2.18 -16.86 12.45
N HIS A 78 -1.71 -16.50 11.26
CA HIS A 78 -0.33 -16.09 11.09
C HIS A 78 -0.06 -14.75 11.77
N PRO A 79 0.76 -14.73 12.84
CA PRO A 79 1.10 -13.50 13.54
C PRO A 79 2.04 -12.63 12.71
N ILE A 80 1.50 -12.06 11.63
CA ILE A 80 2.29 -11.22 10.74
C ILE A 80 2.59 -9.86 11.36
N SER A 81 3.73 -9.30 10.96
CA SER A 81 4.15 -7.99 11.47
C SER A 81 5.39 -7.51 10.72
N PHE A 82 5.66 -6.22 10.78
CA PHE A 82 6.81 -5.64 10.10
C PHE A 82 7.85 -5.15 11.10
N GLY A 83 9.04 -4.84 10.59
CA GLY A 83 10.12 -4.37 11.45
C GLY A 83 11.26 -3.77 10.65
N ARG A 84 11.87 -2.73 11.19
CA ARG A 84 12.98 -2.07 10.51
C ARG A 84 14.30 -2.80 10.76
N SER A 85 14.90 -3.29 9.69
CA SER A 85 16.16 -4.02 9.80
C SER A 85 17.28 -3.07 10.22
N GLU A 86 18.21 -3.59 11.02
CA GLU A 86 19.34 -2.80 11.51
C GLU A 86 19.98 -1.99 10.40
N THR A 87 19.90 -2.50 9.17
CA THR A 87 20.48 -1.81 8.03
C THR A 87 19.43 -0.95 7.30
N GLY A 88 18.47 -0.45 8.05
CA GLY A 88 17.42 0.37 7.47
C GLY A 88 16.67 -0.36 6.38
N ASP A 89 16.18 -1.56 6.69
CA ASP A 89 15.44 -2.35 5.71
C ASP A 89 14.18 -2.96 6.34
N GLN A 90 13.02 -2.47 5.93
CA GLN A 90 11.75 -2.97 6.45
C GLN A 90 11.55 -4.43 6.05
N LEU A 91 11.72 -5.33 7.01
CA LEU A 91 11.55 -6.76 6.76
C LEU A 91 10.13 -7.18 7.05
N VAL A 92 9.68 -8.24 6.38
CA VAL A 92 8.34 -8.75 6.59
C VAL A 92 8.39 -9.99 7.48
N PHE A 93 7.66 -9.94 8.58
CA PHE A 93 7.65 -11.04 9.52
C PHE A 93 6.31 -11.77 9.51
N VAL A 94 6.34 -13.05 9.18
CA VAL A 94 5.14 -13.87 9.15
C VAL A 94 5.41 -15.26 9.66
N GLY A 95 4.57 -15.75 10.57
CA GLY A 95 4.75 -17.06 11.13
C GLY A 95 5.97 -17.14 12.04
N ASP A 96 6.37 -15.99 12.59
CA ASP A 96 7.52 -15.92 13.48
C ASP A 96 8.83 -16.05 12.71
N VAL A 97 8.82 -15.74 11.42
CA VAL A 97 10.02 -15.81 10.61
C VAL A 97 10.27 -14.51 9.87
N ASP A 98 11.35 -13.82 10.23
CA ASP A 98 11.69 -12.57 9.59
C ASP A 98 12.15 -12.85 8.16
N ILE A 99 11.33 -12.47 7.20
CA ILE A 99 11.65 -12.71 5.80
C ILE A 99 11.49 -11.43 4.98
N THR A 100 12.60 -10.96 4.42
CA THR A 100 12.59 -9.74 3.62
C THR A 100 12.98 -10.04 2.17
N HIS A 101 13.77 -11.08 1.96
CA HIS A 101 14.20 -11.46 0.62
C HIS A 101 13.15 -12.32 -0.07
N PRO A 102 12.71 -13.41 0.58
CA PRO A 102 11.69 -14.31 0.02
C PRO A 102 10.47 -13.55 -0.48
N ILE A 103 10.20 -12.40 0.15
CA ILE A 103 9.05 -11.58 -0.24
C ILE A 103 9.37 -10.74 -1.48
N ARG A 104 9.68 -11.42 -2.58
CA ARG A 104 10.01 -10.75 -3.83
C ARG A 104 8.92 -9.78 -4.24
N GLU A 105 9.06 -9.21 -5.43
CA GLU A 105 8.08 -8.25 -5.94
C GLU A 105 7.26 -8.86 -7.08
N ASN A 106 7.94 -9.30 -8.14
CA ASN A 106 7.27 -9.90 -9.28
C ASN A 106 6.65 -11.24 -8.92
N GLU A 107 7.49 -12.20 -8.54
CA GLU A 107 7.02 -13.53 -8.17
C GLU A 107 5.91 -13.43 -7.12
N VAL A 108 6.16 -12.63 -6.08
CA VAL A 108 5.18 -12.45 -5.03
C VAL A 108 3.94 -11.73 -5.55
N THR A 109 4.12 -10.87 -6.54
CA THR A 109 3.00 -10.14 -7.12
C THR A 109 2.08 -11.08 -7.89
N ASN A 110 2.68 -11.97 -8.68
CA ASN A 110 1.92 -12.93 -9.45
C ASN A 110 1.00 -13.74 -8.55
N HIS A 111 1.54 -14.22 -7.44
CA HIS A 111 0.76 -15.01 -6.49
C HIS A 111 -0.12 -14.12 -5.63
N VAL A 112 0.35 -12.90 -5.37
CA VAL A 112 -0.41 -11.94 -4.57
C VAL A 112 -1.67 -11.52 -5.30
N SER A 113 -1.56 -11.35 -6.61
CA SER A 113 -2.70 -10.96 -7.43
C SER A 113 -3.71 -12.08 -7.48
N ALA A 114 -3.22 -13.29 -7.65
CA ALA A 114 -4.07 -14.47 -7.72
C ALA A 114 -4.74 -14.72 -6.37
N ILE A 115 -4.00 -14.46 -5.29
CA ILE A 115 -4.51 -14.65 -3.94
C ILE A 115 -5.51 -13.57 -3.58
N ALA A 116 -5.05 -12.35 -3.70
CA ALA A 116 -5.88 -11.18 -3.40
C ALA A 116 -7.23 -11.26 -4.10
N ALA A 117 -7.27 -11.95 -5.23
CA ALA A 117 -8.49 -12.11 -5.99
C ALA A 117 -9.61 -12.67 -5.12
N ILE A 118 -9.22 -13.48 -4.14
CA ILE A 118 -10.18 -14.08 -3.22
C ILE A 118 -10.75 -13.03 -2.26
N PRO A 119 -12.07 -13.04 -2.03
CA PRO A 119 -12.73 -12.07 -1.14
C PRO A 119 -12.40 -12.32 0.34
N GLU A 120 -12.47 -13.58 0.75
CA GLU A 120 -12.19 -13.96 2.13
C GLU A 120 -10.76 -13.59 2.52
N VAL A 121 -9.85 -13.68 1.55
CA VAL A 121 -8.45 -13.36 1.80
C VAL A 121 -8.28 -11.90 2.19
N ARG A 122 -8.74 -11.00 1.32
CA ARG A 122 -8.64 -9.57 1.58
C ARG A 122 -9.20 -9.21 2.95
N GLU A 123 -10.38 -9.76 3.25
CA GLU A 123 -11.03 -9.49 4.53
C GLU A 123 -10.09 -9.79 5.69
N LYS A 124 -9.50 -10.98 5.68
CA LYS A 124 -8.58 -11.40 6.73
C LYS A 124 -7.32 -10.53 6.72
N LEU A 125 -6.71 -10.38 5.55
CA LEU A 125 -5.51 -9.58 5.41
C LEU A 125 -5.74 -8.17 5.97
N VAL A 126 -6.97 -7.69 5.84
CA VAL A 126 -7.33 -6.37 6.34
C VAL A 126 -7.22 -6.34 7.86
N SER A 127 -7.74 -7.38 8.51
CA SER A 127 -7.68 -7.47 9.96
C SER A 127 -6.24 -7.33 10.45
N LEU A 128 -5.31 -7.88 9.67
CA LEU A 128 -3.89 -7.79 10.02
C LEU A 128 -3.42 -6.35 10.02
N GLN A 129 -3.84 -5.60 9.00
CA GLN A 129 -3.46 -4.19 8.89
C GLN A 129 -3.79 -3.46 10.19
N GLN A 130 -4.96 -3.74 10.74
CA GLN A 130 -5.39 -3.12 11.99
C GLN A 130 -4.54 -3.60 13.16
N GLU A 131 -4.09 -4.84 13.09
CA GLU A 131 -3.26 -5.41 14.14
C GLU A 131 -1.92 -4.68 14.23
N ILE A 132 -1.44 -4.23 13.09
CA ILE A 132 -0.18 -3.52 13.01
C ILE A 132 -0.29 -2.14 13.64
N ALA A 133 -1.33 -1.42 13.27
CA ALA A 133 -1.55 -0.08 13.79
C ALA A 133 -2.23 -0.09 15.16
N GLN A 134 -2.59 -1.29 15.63
CA GLN A 134 -3.24 -1.44 16.91
C GLN A 134 -2.54 -0.61 17.99
N GLN A 135 -1.22 -0.76 18.08
CA GLN A 135 -0.45 -0.02 19.05
C GLN A 135 -0.46 1.47 18.76
N GLY A 136 -0.71 1.81 17.50
CA GLY A 136 -0.74 3.21 17.09
C GLY A 136 0.60 3.68 16.58
N GLY A 137 0.61 4.84 15.94
CA GLY A 137 1.85 5.38 15.43
C GLY A 137 2.43 4.59 14.27
N ILE A 138 1.71 4.56 13.16
CA ILE A 138 2.18 3.84 11.98
C ILE A 138 1.67 4.48 10.70
N VAL A 139 2.56 4.62 9.72
CA VAL A 139 2.20 5.21 8.43
C VAL A 139 1.96 4.13 7.39
N MET A 140 0.74 4.07 6.87
CA MET A 140 0.38 3.07 5.87
C MET A 140 -0.04 3.72 4.56
N ASP A 141 0.20 3.01 3.45
CA ASP A 141 -0.16 3.52 2.14
C ASP A 141 -0.60 2.38 1.23
N GLY A 142 -1.72 2.58 0.54
CA GLY A 142 -2.22 1.56 -0.36
C GLY A 142 -3.31 2.07 -1.28
N ARG A 143 -3.90 1.17 -2.06
CA ARG A 143 -4.96 1.53 -2.99
C ARG A 143 -6.31 1.09 -2.46
N ASP A 144 -6.32 0.00 -1.71
CA ASP A 144 -7.55 -0.53 -1.14
C ASP A 144 -7.73 -0.07 0.31
N ILE A 145 -7.33 1.17 0.58
CA ILE A 145 -7.44 1.72 1.92
C ILE A 145 -8.51 2.81 1.97
N GLY A 146 -9.69 2.49 1.46
CA GLY A 146 -10.78 3.46 1.45
C GLY A 146 -11.83 3.17 2.50
N THR A 147 -12.16 1.89 2.68
CA THR A 147 -13.15 1.49 3.65
C THR A 147 -12.70 0.25 4.43
N VAL A 148 -11.79 0.45 5.38
CA VAL A 148 -11.28 -0.63 6.19
C VAL A 148 -10.43 -0.10 7.34
N VAL A 149 -9.19 0.26 7.05
CA VAL A 149 -8.28 0.79 8.06
C VAL A 149 -8.46 2.30 8.22
N LEU A 150 -8.87 2.97 7.15
CA LEU A 150 -9.08 4.40 7.16
C LEU A 150 -9.99 4.82 8.32
N PRO A 151 -11.18 4.22 8.41
CA PRO A 151 -12.14 4.53 9.47
C PRO A 151 -11.49 4.61 10.86
N GLN A 152 -10.40 3.86 11.04
CA GLN A 152 -9.69 3.84 12.31
C GLN A 152 -8.30 4.46 12.16
N ALA A 153 -8.16 5.41 11.25
CA ALA A 153 -6.89 6.08 11.01
C ALA A 153 -6.99 7.57 11.34
N GLU A 154 -6.27 8.00 12.36
CA GLU A 154 -6.27 9.40 12.76
C GLU A 154 -6.08 10.32 11.57
N LEU A 155 -4.89 10.24 10.95
CA LEU A 155 -4.57 11.06 9.80
C LEU A 155 -4.78 10.27 8.50
N LYS A 156 -5.60 10.81 7.61
CA LYS A 156 -5.88 10.16 6.34
C LYS A 156 -5.80 11.16 5.19
N ILE A 157 -4.87 10.91 4.26
CA ILE A 157 -4.69 11.79 3.12
C ILE A 157 -5.03 11.08 1.81
N PHE A 158 -5.45 11.86 0.82
CA PHE A 158 -5.81 11.29 -0.49
C PHE A 158 -5.09 12.02 -1.61
N LEU A 159 -3.91 11.52 -1.96
CA LEU A 159 -3.10 12.12 -3.02
C LEU A 159 -3.66 11.73 -4.39
N VAL A 160 -4.10 12.74 -5.15
CA VAL A 160 -4.66 12.49 -6.48
C VAL A 160 -3.69 12.95 -7.57
N ALA A 161 -3.80 12.35 -8.75
CA ALA A 161 -2.95 12.70 -9.88
C ALA A 161 -3.64 12.39 -11.19
N SER A 162 -3.03 12.82 -12.29
CA SER A 162 -3.59 12.59 -13.62
C SER A 162 -2.85 11.47 -14.34
N VAL A 163 -3.60 10.63 -15.06
CA VAL A 163 -3.02 9.52 -15.79
C VAL A 163 -1.79 9.95 -16.59
N ASP A 164 -1.88 11.11 -17.22
CA ASP A 164 -0.78 11.64 -18.02
C ASP A 164 0.48 11.81 -17.17
N GLU A 165 0.34 12.52 -16.05
CA GLU A 165 1.46 12.76 -15.16
C GLU A 165 2.15 11.47 -14.76
N ARG A 166 1.41 10.57 -14.12
CA ARG A 166 1.95 9.29 -13.68
C ARG A 166 2.46 8.47 -14.86
N ALA A 167 1.61 8.31 -15.88
CA ALA A 167 1.97 7.55 -17.06
C ALA A 167 3.34 7.98 -17.60
N GLU A 168 3.66 9.25 -17.41
CA GLU A 168 4.94 9.78 -17.88
C GLU A 168 6.08 9.32 -16.97
N ARG A 169 5.89 9.49 -15.67
CA ARG A 169 6.90 9.09 -14.69
C ARG A 169 7.30 7.64 -14.89
N ARG A 170 6.35 6.82 -15.32
CA ARG A 170 6.60 5.41 -15.54
C ARG A 170 7.43 5.18 -16.80
N TYR A 171 7.06 5.88 -17.88
CA TYR A 171 7.77 5.76 -19.14
C TYR A 171 9.27 5.95 -18.95
N LYS A 172 9.64 7.00 -18.22
CA LYS A 172 11.04 7.29 -17.95
C LYS A 172 11.68 6.17 -17.14
N GLU A 173 11.06 5.81 -16.02
CA GLU A 173 11.58 4.77 -15.16
C GLU A 173 11.89 3.51 -15.95
N ASN A 174 11.16 3.31 -17.05
CA ASN A 174 11.38 2.15 -17.91
C ASN A 174 12.59 2.37 -18.80
N ILE A 175 12.84 3.64 -19.15
CA ILE A 175 13.95 3.99 -19.99
C ILE A 175 15.25 4.03 -19.21
N ALA A 176 15.25 4.77 -18.10
CA ALA A 176 16.43 4.90 -17.25
C ALA A 176 16.90 3.54 -16.74
N LYS A 177 15.97 2.59 -16.62
CA LYS A 177 16.30 1.26 -16.14
C LYS A 177 17.09 0.45 -17.17
N GLY A 178 17.14 0.93 -18.42
CA GLY A 178 17.86 0.23 -19.45
C GLY A 178 16.94 -0.34 -20.52
N ILE A 179 15.81 0.33 -20.73
CA ILE A 179 14.83 -0.08 -21.72
C ILE A 179 14.43 1.10 -22.59
N GLU A 180 13.47 0.89 -23.49
CA GLU A 180 13.01 1.95 -24.37
C GLU A 180 11.51 1.85 -24.58
N THR A 181 10.76 1.81 -23.48
CA THR A 181 9.32 1.71 -23.54
C THR A 181 8.70 2.97 -24.15
N ASP A 182 7.74 2.79 -25.04
CA ASP A 182 7.08 3.91 -25.69
C ASP A 182 5.98 4.48 -24.80
N LEU A 183 5.78 5.79 -24.90
CA LEU A 183 4.75 6.46 -24.10
C LEU A 183 3.36 5.98 -24.50
N GLU A 184 3.08 5.98 -25.79
CA GLU A 184 1.79 5.55 -26.30
C GLU A 184 1.37 4.22 -25.68
N THR A 185 2.36 3.41 -25.34
CA THR A 185 2.10 2.10 -24.73
C THR A 185 1.58 2.26 -23.30
N LEU A 186 2.29 3.05 -22.50
CA LEU A 186 1.90 3.29 -21.12
C LEU A 186 0.56 4.02 -21.05
N LYS A 187 0.39 5.00 -21.91
CA LYS A 187 -0.84 5.78 -21.95
C LYS A 187 -2.06 4.87 -22.09
N LYS A 188 -1.99 3.95 -23.03
CA LYS A 188 -3.09 3.02 -23.26
C LYS A 188 -3.21 2.03 -22.11
N GLU A 189 -2.11 1.37 -21.78
CA GLU A 189 -2.10 0.40 -20.68
C GLU A 189 -2.77 0.98 -19.44
N ILE A 190 -2.39 2.21 -19.09
CA ILE A 190 -2.95 2.87 -17.92
C ILE A 190 -4.45 3.14 -18.10
N ALA A 191 -4.85 3.41 -19.34
CA ALA A 191 -6.24 3.68 -19.65
C ALA A 191 -7.12 2.48 -19.35
N ALA A 192 -6.59 1.29 -19.58
CA ALA A 192 -7.33 0.05 -19.33
C ALA A 192 -7.46 -0.21 -17.83
N ARG A 193 -6.32 -0.23 -17.15
CA ARG A 193 -6.30 -0.48 -15.71
C ARG A 193 -7.04 0.63 -14.97
N ASP A 194 -6.71 1.88 -15.28
CA ASP A 194 -7.34 3.03 -14.64
C ASP A 194 -8.86 2.90 -14.67
N TYR A 195 -9.39 2.48 -15.82
CA TYR A 195 -10.82 2.31 -16.00
C TYR A 195 -11.33 1.14 -15.16
N LYS A 196 -10.76 -0.04 -15.39
CA LYS A 196 -11.15 -1.24 -14.64
C LYS A 196 -11.19 -0.96 -13.14
N ASP A 197 -10.30 -0.07 -12.69
CA ASP A 197 -10.23 0.29 -11.29
C ASP A 197 -11.28 1.35 -10.95
N SER A 198 -11.54 2.24 -11.90
CA SER A 198 -12.53 3.30 -11.70
C SER A 198 -13.89 2.93 -12.27
N HIS A 199 -14.13 1.62 -12.47
CA HIS A 199 -15.39 1.15 -13.00
C HIS A 199 -15.83 -0.13 -12.30
N ARG A 200 -15.47 -0.26 -11.03
CA ARG A 200 -15.83 -1.43 -10.25
C ARG A 200 -16.70 -1.06 -9.05
N GLU A 201 -16.84 -1.98 -8.11
CA GLU A 201 -17.64 -1.74 -6.92
C GLU A 201 -16.82 -1.97 -5.66
N THR A 202 -16.32 -3.19 -5.49
CA THR A 202 -15.51 -3.54 -4.33
C THR A 202 -14.40 -2.53 -4.12
N SER A 203 -14.11 -2.24 -2.85
CA SER A 203 -13.06 -1.29 -2.50
C SER A 203 -13.21 0.00 -3.31
N PRO A 204 -14.37 0.65 -3.21
CA PRO A 204 -14.64 1.89 -3.93
C PRO A 204 -14.01 3.10 -3.25
N LEU A 205 -13.11 3.77 -3.97
CA LEU A 205 -12.42 4.95 -3.44
C LEU A 205 -13.43 6.04 -3.09
N LYS A 206 -13.84 6.81 -4.09
CA LYS A 206 -14.80 7.90 -3.89
C LYS A 206 -14.45 8.73 -2.67
N GLN A 207 -13.16 8.83 -2.37
CA GLN A 207 -12.69 9.59 -1.22
C GLN A 207 -13.25 9.04 0.08
N ALA A 208 -12.37 8.55 0.95
CA ALA A 208 -12.78 7.99 2.23
C ALA A 208 -13.71 8.95 2.97
N GLU A 209 -14.24 8.50 4.09
CA GLU A 209 -15.14 9.31 4.91
C GLU A 209 -14.57 10.71 5.12
N ASP A 210 -13.38 10.77 5.71
CA ASP A 210 -12.73 12.05 5.97
C ASP A 210 -11.36 12.10 5.32
N ALA A 211 -11.25 11.54 4.12
CA ALA A 211 -9.98 11.52 3.39
C ALA A 211 -9.64 12.91 2.88
N VAL A 212 -8.54 13.47 3.38
CA VAL A 212 -8.09 14.80 2.97
C VAL A 212 -7.77 14.83 1.48
N TYR A 213 -8.53 15.63 0.73
CA TYR A 213 -8.32 15.75 -0.71
C TYR A 213 -7.13 16.66 -1.01
N LEU A 214 -6.18 16.15 -1.78
CA LEU A 214 -5.00 16.92 -2.15
C LEU A 214 -4.36 16.36 -3.43
N ASP A 215 -4.53 17.08 -4.53
CA ASP A 215 -3.98 16.66 -5.81
C ASP A 215 -2.63 17.32 -6.05
N THR A 216 -1.66 16.52 -6.50
CA THR A 216 -0.32 17.02 -6.78
C THR A 216 0.16 16.55 -8.15
N THR A 217 -0.19 17.32 -9.18
CA THR A 217 0.20 16.99 -10.55
C THR A 217 1.56 17.59 -10.90
N GLY A 218 2.53 16.74 -11.23
CA GLY A 218 3.85 17.21 -11.59
C GLY A 218 4.39 18.24 -10.61
N LEU A 219 4.02 18.09 -9.34
CA LEU A 219 4.48 19.02 -8.31
C LEU A 219 5.59 18.39 -7.47
N ASN A 220 6.49 19.24 -6.96
CA ASN A 220 7.59 18.77 -6.14
C ASN A 220 7.11 17.80 -5.06
N ILE A 221 7.98 16.85 -4.69
CA ILE A 221 7.64 15.87 -3.67
C ILE A 221 7.61 16.50 -2.29
N GLN A 222 8.61 17.33 -2.00
CA GLN A 222 8.70 18.00 -0.71
C GLN A 222 7.45 18.81 -0.43
N GLU A 223 6.86 19.38 -1.48
CA GLU A 223 5.65 20.19 -1.36
C GLU A 223 4.52 19.37 -0.72
N VAL A 224 4.48 18.08 -1.05
CA VAL A 224 3.45 17.19 -0.52
C VAL A 224 3.70 16.89 0.96
N VAL A 225 4.93 16.51 1.28
CA VAL A 225 5.29 16.19 2.65
C VAL A 225 4.87 17.31 3.60
N GLU A 226 5.11 18.55 3.19
CA GLU A 226 4.75 19.70 4.01
C GLU A 226 3.24 19.79 4.20
N LYS A 227 2.52 19.65 3.09
CA LYS A 227 1.06 19.72 3.13
C LYS A 227 0.50 18.81 4.22
N ILE A 228 0.90 17.54 4.18
CA ILE A 228 0.43 16.57 5.16
C ILE A 228 0.93 16.93 6.56
N LYS A 229 2.23 17.18 6.67
CA LYS A 229 2.83 17.53 7.95
C LYS A 229 2.04 18.64 8.64
N ALA A 230 1.71 19.68 7.89
CA ALA A 230 0.96 20.81 8.42
C ALA A 230 -0.40 20.36 8.93
N GLU A 231 -1.02 19.43 8.20
CA GLU A 231 -2.34 18.92 8.58
C GLU A 231 -2.25 18.11 9.87
N ALA A 232 -1.14 17.39 10.03
CA ALA A 232 -0.94 16.58 11.23
C ALA A 232 -0.58 17.44 12.43
N GLU A 233 0.42 18.29 12.26
CA GLU A 233 0.87 19.18 13.34
C GLU A 233 -0.29 20.01 13.86
N LYS A 234 -1.07 20.59 12.94
CA LYS A 234 -2.21 21.43 13.31
C LYS A 234 -3.27 20.59 14.02
N ARG A 235 -3.61 19.45 13.45
CA ARG A 235 -4.61 18.56 14.02
C ARG A 235 -4.23 18.18 15.45
N MET A 236 -2.93 18.13 15.72
CA MET A 236 -2.44 17.77 17.05
C MET A 236 -2.48 18.98 17.99
#